data_6HTA
#
_entry.id   6HTA
#
_cell.length_a   144.903
_cell.length_b   56.653
_cell.length_c   93.793
_cell.angle_alpha   90.00
_cell.angle_beta   107.17
_cell.angle_gamma   90.00
#
_symmetry.space_group_name_H-M   'C 1 2 1'
#
loop_
_entity.id
_entity.type
_entity.pdbx_description
1 polymer 'Glutathione transferase Xi 3 C56S'
2 non-polymer 'DIMETHYL SULFOXIDE'
3 non-polymer 'ACETATE ION'
4 water water
#
_entity_poly.entity_id   1
_entity_poly.type   'polypeptide(L)'
_entity_poly.pdbx_seq_one_letter_code
;MAATRDVTHLTDISKGLAEADGSFKRKASTFRRFIEKGGEFEPEKGRYHLYVAYSSPWATRTLIVRKIKGLEEIVGVTIV
SPLFSAHGWPFGDVSPFPGAEADPFYNAQYVRDLYLRADPKYEGRFTVPVLWDKKTETVVNNESSEIIRIFNTAFNEFLP
ADKAAIHLYPEALKSEIDEINEWVYDTVNNGVYKAGFATTQQAYEAAVIPLFESLDRLEKILTGKDYLVGDQLTEADVRL
FVTIIRFDPAYVGHFKCNLRTIRDGYPAIHLWLRKLYWNNSAFSETCKFDHIKASYYAQKNVNPTLVVPLGPIPNILPLH
HHHHH
;
_entity_poly.pdbx_strand_id   A,B
#
loop_
_chem_comp.id
_chem_comp.type
_chem_comp.name
_chem_comp.formula
ACT non-polymer 'ACETATE ION' 'C2 H3 O2 -1'
DMS non-polymer 'DIMETHYL SULFOXIDE' 'C2 H6 O S'
#
# COMPACT_ATOMS: atom_id res chain seq x y z
N ASP A 21 -13.69 15.00 -14.26
CA ASP A 21 -12.76 15.56 -13.30
C ASP A 21 -11.97 14.43 -12.60
N GLY A 22 -12.35 14.09 -11.37
CA GLY A 22 -11.66 13.06 -10.62
C GLY A 22 -10.69 13.56 -9.57
N SER A 23 -10.41 14.87 -9.52
CA SER A 23 -9.38 15.41 -8.66
C SER A 23 -9.99 16.03 -7.39
N PHE A 24 -9.24 15.92 -6.30
CA PHE A 24 -9.67 16.44 -5.00
C PHE A 24 -9.33 17.92 -4.92
N LYS A 25 -10.31 18.73 -4.50
CA LYS A 25 -10.16 20.17 -4.41
C LYS A 25 -10.52 20.62 -2.98
N ARG A 26 -9.50 20.84 -2.16
CA ARG A 26 -9.68 21.17 -0.76
C ARG A 26 -10.40 22.51 -0.60
N LYS A 27 -11.41 22.54 0.27
CA LYS A 27 -12.14 23.75 0.58
C LYS A 27 -11.42 24.54 1.69
N ALA A 28 -11.15 25.81 1.42
CA ALA A 28 -10.43 26.66 2.37
C ALA A 28 -11.23 26.81 3.68
N SER A 29 -10.58 27.44 4.65
CA SER A 29 -11.16 27.62 5.98
C SER A 29 -11.81 28.99 6.12
N THR A 30 -12.88 29.05 6.90
CA THR A 30 -13.77 30.21 6.96
C THR A 30 -13.72 31.00 8.26
N PHE A 31 -13.36 30.38 9.38
CA PHE A 31 -13.20 31.07 10.67
C PHE A 31 -11.72 31.41 10.83
N ARG A 32 -11.40 32.68 10.77
CA ARG A 32 -10.04 33.12 10.53
C ARG A 32 -9.71 34.33 11.40
N ARG A 33 -9.99 34.21 12.69
CA ARG A 33 -9.75 35.26 13.67
C ARG A 33 -8.56 34.89 14.54
N PHE A 34 -8.05 35.88 15.24
CA PHE A 34 -6.82 35.80 16.01
C PHE A 34 -7.05 36.19 17.46
N ILE A 35 -6.02 36.00 18.27
CA ILE A 35 -6.11 36.23 19.71
C ILE A 35 -5.13 37.34 20.04
N GLU A 36 -5.67 38.53 20.33
CA GLU A 36 -4.86 39.73 20.42
C GLU A 36 -5.35 40.62 21.55
N LYS A 37 -4.39 41.21 22.27
CA LYS A 37 -4.72 42.18 23.30
C LYS A 37 -5.61 43.27 22.74
N GLY A 38 -6.77 43.45 23.36
CA GLY A 38 -7.69 44.50 22.95
C GLY A 38 -8.54 44.16 21.76
N GLY A 39 -8.39 42.95 21.22
CA GLY A 39 -9.17 42.51 20.09
C GLY A 39 -10.39 41.76 20.53
N GLU A 40 -11.11 41.23 19.54
CA GLU A 40 -12.30 40.44 19.81
C GLU A 40 -12.02 39.32 20.81
N PHE A 41 -10.88 38.67 20.68
CA PHE A 41 -10.53 37.51 21.51
C PHE A 41 -9.28 37.83 22.30
N GLU A 42 -9.49 38.34 23.50
CA GLU A 42 -8.40 38.71 24.37
C GLU A 42 -7.62 37.46 24.79
N PRO A 43 -6.30 37.53 24.86
CA PRO A 43 -5.52 36.43 25.45
C PRO A 43 -5.90 36.19 26.91
N GLU A 44 -6.22 34.94 27.21
CA GLU A 44 -6.67 34.56 28.54
C GLU A 44 -6.32 33.10 28.77
N LYS A 45 -5.97 32.79 30.02
CA LYS A 45 -5.74 31.42 30.43
C LYS A 45 -7.07 30.72 30.73
N GLY A 46 -7.19 29.49 30.26
CA GLY A 46 -8.38 28.71 30.52
C GLY A 46 -9.60 29.07 29.72
N ARG A 47 -9.47 29.94 28.71
CA ARG A 47 -10.61 30.41 27.92
C ARG A 47 -10.75 29.71 26.57
N TYR A 48 -9.64 29.31 25.96
CA TYR A 48 -9.61 28.76 24.62
C TYR A 48 -9.27 27.28 24.66
N HIS A 49 -9.85 26.52 23.76
CA HIS A 49 -9.79 25.07 23.75
C HIS A 49 -9.64 24.58 22.34
N LEU A 50 -8.83 23.55 22.18
CA LEU A 50 -8.60 22.92 20.93
C LEU A 50 -9.37 21.63 20.82
N TYR A 51 -10.19 21.52 19.81
CA TYR A 51 -10.76 20.22 19.49
C TYR A 51 -10.01 19.63 18.30
N VAL A 52 -9.54 18.40 18.46
CA VAL A 52 -8.60 17.77 17.53
C VAL A 52 -8.92 16.28 17.38
N ALA A 53 -8.38 15.71 16.32
CA ALA A 53 -8.32 14.29 16.11
C ALA A 53 -6.85 13.97 15.99
N TYR A 54 -6.42 12.93 16.71
CA TYR A 54 -5.02 12.51 16.61
C TYR A 54 -4.64 12.05 15.23
N SER A 55 -5.61 11.58 14.46
CA SER A 55 -5.32 11.10 13.12
C SER A 55 -5.05 12.25 12.15
N SER A 56 -5.61 13.43 12.41
CA SER A 56 -5.50 14.56 11.50
C SER A 56 -4.09 15.15 11.53
N PRO A 57 -3.37 15.17 10.40
CA PRO A 57 -2.11 15.91 10.41
C PRO A 57 -2.31 17.37 10.68
N TRP A 58 -3.39 17.94 10.16
CA TRP A 58 -3.64 19.37 10.37
C TRP A 58 -3.82 19.67 11.86
N ALA A 59 -4.65 18.89 12.52
CA ALA A 59 -4.87 19.14 13.93
C ALA A 59 -3.64 18.81 14.75
N THR A 60 -2.87 17.81 14.33
CA THR A 60 -1.72 17.44 15.12
C THR A 60 -0.70 18.55 15.12
N ARG A 61 -0.65 19.37 14.06
CA ARG A 61 0.22 20.52 14.05
C ARG A 61 0.01 21.35 15.30
N THR A 62 -1.24 21.56 15.68
CA THR A 62 -1.54 22.42 16.82
C THR A 62 -1.16 21.75 18.14
N LEU A 63 -1.32 20.43 18.24
CA LEU A 63 -0.88 19.69 19.42
C LEU A 63 0.61 19.80 19.61
N ILE A 64 1.37 19.64 18.53
CA ILE A 64 2.81 19.73 18.63
C ILE A 64 3.23 21.08 19.18
N VAL A 65 2.71 22.16 18.58
CA VAL A 65 3.16 23.50 18.97
C VAL A 65 2.69 23.84 20.37
N ARG A 66 1.51 23.36 20.73
CA ARG A 66 1.00 23.60 22.09
C ARG A 66 1.99 23.07 23.10
N LYS A 67 2.57 21.93 22.82
CA LYS A 67 3.60 21.38 23.70
C LYS A 67 4.93 22.10 23.53
N ILE A 68 5.30 22.46 22.30
CA ILE A 68 6.53 23.20 22.13
C ILE A 68 6.49 24.49 22.94
N LYS A 69 5.35 25.17 22.95
CA LYS A 69 5.25 26.48 23.57
C LYS A 69 4.89 26.42 25.05
N GLY A 70 4.77 25.23 25.63
CA GLY A 70 4.45 25.13 27.03
C GLY A 70 3.05 25.62 27.35
N LEU A 71 2.08 25.34 26.48
CA LEU A 71 0.74 25.90 26.62
C LEU A 71 -0.27 24.93 27.20
N GLU A 72 0.16 23.81 27.77
CA GLU A 72 -0.76 22.73 28.09
C GLU A 72 -1.76 23.13 29.18
N GLU A 73 -1.36 24.02 30.11
CA GLU A 73 -2.24 24.47 31.17
C GLU A 73 -2.89 25.81 30.87
N ILE A 74 -2.69 26.33 29.65
CA ILE A 74 -3.28 27.55 29.20
C ILE A 74 -4.38 27.31 28.18
N VAL A 75 -4.17 26.36 27.28
CA VAL A 75 -5.15 25.99 26.26
C VAL A 75 -5.53 24.52 26.42
N GLY A 76 -6.84 24.27 26.54
CA GLY A 76 -7.34 22.93 26.69
C GLY A 76 -7.40 22.18 25.36
N VAL A 77 -7.53 20.86 25.48
CA VAL A 77 -7.62 19.95 24.35
C VAL A 77 -8.68 18.88 24.60
N THR A 78 -9.43 18.52 23.54
CA THR A 78 -10.28 17.35 23.53
C THR A 78 -10.02 16.55 22.25
N ILE A 79 -9.85 15.24 22.45
CA ILE A 79 -9.54 14.27 21.40
C ILE A 79 -10.84 13.63 20.95
N VAL A 80 -11.25 13.92 19.74
CA VAL A 80 -12.42 13.29 19.15
C VAL A 80 -12.08 11.87 18.72
N SER A 81 -13.11 11.08 18.50
CA SER A 81 -12.92 9.71 18.00
C SER A 81 -12.28 9.75 16.62
N PRO A 82 -11.33 8.85 16.33
CA PRO A 82 -10.77 8.82 14.96
C PRO A 82 -11.69 8.19 13.93
N LEU A 83 -12.85 7.67 14.36
CA LEU A 83 -13.76 6.91 13.49
C LEU A 83 -14.75 7.85 12.82
N PHE A 84 -14.24 8.55 11.82
CA PHE A 84 -15.01 9.51 11.05
C PHE A 84 -16.22 8.82 10.44
N SER A 85 -17.38 9.44 10.59
CA SER A 85 -18.63 8.82 10.24
C SER A 85 -19.35 9.68 9.22
N ALA A 86 -20.56 9.24 8.91
CA ALA A 86 -21.44 9.98 8.02
C ALA A 86 -21.81 11.33 8.63
N HIS A 87 -21.61 11.46 9.92
CA HIS A 87 -21.85 12.72 10.63
C HIS A 87 -20.60 13.52 10.92
N GLY A 88 -19.48 13.03 10.43
CA GLY A 88 -18.21 13.67 10.65
C GLY A 88 -17.49 13.11 11.87
N TRP A 89 -16.71 13.91 12.51
CA TRP A 89 -15.92 13.45 13.64
C TRP A 89 -16.86 13.25 14.82
N PRO A 90 -16.97 12.04 15.36
CA PRO A 90 -17.75 11.86 16.58
C PRO A 90 -16.89 12.09 17.80
N PHE A 91 -17.55 12.45 18.90
CA PHE A 91 -16.85 12.47 20.16
C PHE A 91 -16.72 11.04 20.72
N GLY A 92 -15.88 10.88 21.73
CA GLY A 92 -15.49 9.55 22.17
C GLY A 92 -16.58 8.76 22.83
N ASP A 93 -17.57 9.44 23.42
CA ASP A 93 -18.70 8.70 23.97
C ASP A 93 -19.59 8.18 22.87
N VAL A 94 -19.55 8.79 21.70
CA VAL A 94 -20.41 8.39 20.60
C VAL A 94 -19.80 7.22 19.82
N SER A 95 -18.51 7.31 19.49
CA SER A 95 -17.78 6.23 18.82
C SER A 95 -16.53 5.92 19.65
N PRO A 96 -16.65 5.03 20.62
CA PRO A 96 -15.53 4.84 21.54
C PRO A 96 -14.29 4.34 20.83
N PHE A 97 -13.17 4.82 21.29
CA PHE A 97 -11.88 4.46 20.74
C PHE A 97 -10.90 4.79 21.82
N PRO A 98 -9.88 3.98 22.04
CA PRO A 98 -8.95 4.21 23.14
C PRO A 98 -8.30 5.60 23.05
N GLY A 99 -8.47 6.40 24.11
CA GLY A 99 -7.91 7.74 24.14
C GLY A 99 -8.79 8.80 23.53
N ALA A 100 -9.91 8.43 22.92
CA ALA A 100 -10.90 9.40 22.51
C ALA A 100 -11.67 9.89 23.72
N GLU A 101 -12.30 11.04 23.56
CA GLU A 101 -12.88 11.72 24.72
C GLU A 101 -14.23 12.33 24.38
N ALA A 102 -15.14 12.32 25.36
CA ALA A 102 -16.37 13.09 25.29
C ALA A 102 -16.11 14.60 25.31
N ASP A 103 -17.01 15.34 24.66
CA ASP A 103 -17.03 16.79 24.69
C ASP A 103 -17.23 17.24 26.12
N PRO A 104 -16.35 18.05 26.69
CA PRO A 104 -16.53 18.47 28.09
C PRO A 104 -17.62 19.51 28.31
N PHE A 105 -18.07 20.24 27.29
CA PHE A 105 -18.70 21.53 27.54
C PHE A 105 -20.13 21.69 27.07
N TYR A 106 -20.55 21.00 25.99
CA TYR A 106 -21.84 21.26 25.37
C TYR A 106 -22.63 20.00 25.06
N ASN A 107 -22.20 18.85 25.57
CA ASN A 107 -22.79 17.57 25.23
C ASN A 107 -22.87 17.40 23.72
N ALA A 108 -21.89 17.94 23.01
CA ALA A 108 -21.87 17.77 21.56
C ALA A 108 -21.74 16.29 21.22
N GLN A 109 -22.30 15.89 20.08
CA GLN A 109 -22.14 14.50 19.65
C GLN A 109 -21.20 14.36 18.47
N TYR A 110 -21.00 15.36 17.68
CA TYR A 110 -20.16 15.41 16.48
C TYR A 110 -19.63 16.84 16.36
N VAL A 111 -18.48 16.99 15.79
CA VAL A 111 -17.80 18.28 15.72
C VAL A 111 -18.68 19.30 15.04
N ARG A 112 -19.47 18.85 14.08
CA ARG A 112 -20.49 19.70 13.48
C ARG A 112 -21.31 20.44 14.54
N ASP A 113 -21.61 19.78 15.67
CA ASP A 113 -22.44 20.43 16.69
C ASP A 113 -21.75 21.66 17.26
N LEU A 114 -20.42 21.69 17.26
CA LEU A 114 -19.69 22.88 17.71
C LEU A 114 -19.82 24.02 16.72
N TYR A 115 -19.67 23.72 15.44
CA TYR A 115 -19.78 24.73 14.40
C TYR A 115 -21.18 25.34 14.37
N LEU A 116 -22.21 24.51 14.48
CA LEU A 116 -23.57 25.03 14.40
C LEU A 116 -24.00 25.74 15.67
N ARG A 117 -23.29 25.51 16.78
CA ARG A 117 -23.44 26.35 17.96
C ARG A 117 -22.84 27.73 17.71
N ALA A 118 -21.65 27.78 17.12
CA ALA A 118 -21.06 29.04 16.72
C ALA A 118 -21.96 29.77 15.74
N ASP A 119 -22.56 29.03 14.81
CA ASP A 119 -23.38 29.67 13.79
C ASP A 119 -24.30 28.64 13.17
N PRO A 120 -25.59 28.67 13.50
CA PRO A 120 -26.51 27.66 12.96
C PRO A 120 -26.67 27.67 11.48
N LYS A 121 -26.18 28.70 10.80
CA LYS A 121 -26.28 28.80 9.35
C LYS A 121 -24.96 28.48 8.67
N TYR A 122 -23.96 28.02 9.41
CA TYR A 122 -22.63 27.80 8.84
C TYR A 122 -22.70 26.70 7.81
N GLU A 123 -22.08 26.94 6.65
CA GLU A 123 -22.09 25.92 5.60
C GLU A 123 -20.70 25.63 5.06
N GLY A 124 -19.66 25.88 5.83
CA GLY A 124 -18.37 25.29 5.55
C GLY A 124 -18.33 23.84 6.00
N ARG A 125 -17.13 23.27 5.92
CA ARG A 125 -16.84 21.92 6.36
C ARG A 125 -16.54 21.91 7.85
N PHE A 126 -16.85 20.78 8.50
CA PHE A 126 -16.72 20.66 9.95
C PHE A 126 -15.41 19.96 10.30
N THR A 127 -14.34 20.69 10.06
CA THR A 127 -12.99 20.17 10.13
C THR A 127 -12.37 20.37 11.50
N VAL A 128 -11.43 19.50 11.83
CA VAL A 128 -10.46 19.76 12.88
C VAL A 128 -9.14 20.19 12.26
N PRO A 129 -8.38 21.06 12.96
CA PRO A 129 -8.65 21.52 14.33
C PRO A 129 -9.61 22.71 14.44
N VAL A 130 -10.18 22.81 15.63
CA VAL A 130 -11.04 23.94 16.00
C VAL A 130 -10.35 24.58 17.20
N LEU A 131 -9.99 25.85 17.07
CA LEU A 131 -9.59 26.66 18.21
C LEU A 131 -10.85 27.41 18.62
N TRP A 132 -11.40 26.98 19.74
CA TRP A 132 -12.70 27.39 20.26
C TRP A 132 -12.56 28.39 21.42
N ASP A 133 -13.54 29.26 21.52
CA ASP A 133 -13.65 30.23 22.61
C ASP A 133 -14.80 29.78 23.51
N LYS A 134 -14.45 29.34 24.72
CA LYS A 134 -15.48 28.94 25.68
C LYS A 134 -16.28 30.13 26.23
N LYS A 135 -15.77 31.34 26.15
CA LYS A 135 -16.54 32.48 26.66
C LYS A 135 -17.75 32.79 25.77
N THR A 136 -17.51 33.14 24.51
CA THR A 136 -18.57 33.45 23.58
C THR A 136 -19.09 32.24 22.79
N GLU A 137 -18.55 31.04 23.01
CA GLU A 137 -19.01 29.84 22.32
C GLU A 137 -19.02 30.02 20.80
N THR A 138 -17.80 30.18 20.27
CA THR A 138 -17.62 30.27 18.83
C THR A 138 -16.25 29.76 18.44
N VAL A 139 -16.06 29.63 17.14
CA VAL A 139 -14.79 29.19 16.57
C VAL A 139 -13.94 30.43 16.31
N VAL A 140 -12.89 30.59 17.08
CA VAL A 140 -11.92 31.64 16.82
C VAL A 140 -11.28 31.43 15.46
N ASN A 141 -10.71 30.23 15.25
CA ASN A 141 -9.93 29.94 14.05
C ASN A 141 -9.94 28.43 13.81
N ASN A 142 -10.22 28.02 12.58
CA ASN A 142 -10.09 26.61 12.20
C ASN A 142 -9.11 26.41 11.05
N GLU A 143 -8.13 27.28 10.95
CA GLU A 143 -7.02 27.13 10.00
C GLU A 143 -5.77 26.75 10.78
N SER A 144 -5.32 25.51 10.62
CA SER A 144 -4.20 25.03 11.43
C SER A 144 -2.95 25.87 11.20
N SER A 145 -2.79 26.42 10.00
CA SER A 145 -1.60 27.20 9.73
C SER A 145 -1.60 28.48 10.54
N GLU A 146 -2.78 29.02 10.84
CA GLU A 146 -2.87 30.26 11.60
C GLU A 146 -2.83 29.97 13.11
N ILE A 147 -3.45 28.87 13.52
CA ILE A 147 -3.49 28.53 14.94
C ILE A 147 -2.08 28.37 15.48
N ILE A 148 -1.23 27.63 14.77
CA ILE A 148 0.11 27.48 15.31
C ILE A 148 0.85 28.82 15.36
N ARG A 149 0.54 29.75 14.46
CA ARG A 149 1.17 31.06 14.55
C ARG A 149 0.59 31.90 15.69
N ILE A 150 -0.70 31.79 15.96
CA ILE A 150 -1.26 32.41 17.16
C ILE A 150 -0.47 31.94 18.37
N PHE A 151 -0.16 30.65 18.43
CA PHE A 151 0.55 30.07 19.56
C PHE A 151 1.96 30.61 19.74
N ASN A 152 2.60 31.18 18.69
CA ASN A 152 3.95 31.68 18.88
C ASN A 152 3.99 32.85 19.85
N THR A 153 2.94 33.66 19.87
CA THR A 153 2.97 34.90 20.66
C THR A 153 1.74 35.21 21.49
N ALA A 154 0.55 34.68 21.19
CA ALA A 154 -0.65 35.29 21.79
C ALA A 154 -0.70 35.09 23.30
N PHE A 155 -0.08 34.05 23.80
CA PHE A 155 -0.17 33.68 25.21
C PHE A 155 1.14 33.94 25.95
N ASN A 156 2.00 34.80 25.40
CA ASN A 156 3.34 34.96 25.95
C ASN A 156 3.33 35.59 27.35
N GLU A 157 2.34 36.42 27.65
CA GLU A 157 2.28 37.05 28.97
C GLU A 157 1.99 36.04 30.04
N PHE A 158 1.52 34.86 29.66
CA PHE A 158 1.25 33.77 30.59
C PHE A 158 2.38 32.78 30.68
N LEU A 159 3.48 33.03 30.02
CA LEU A 159 4.62 32.14 29.99
C LEU A 159 5.82 32.76 30.65
N PRO A 160 6.74 31.95 31.16
CA PRO A 160 8.06 32.47 31.53
C PRO A 160 8.77 33.06 30.32
N ALA A 161 9.70 33.98 30.58
CA ALA A 161 10.36 34.72 29.51
C ALA A 161 11.03 33.79 28.50
N ASP A 162 11.70 32.74 28.97
CA ASP A 162 12.42 31.88 28.03
C ASP A 162 11.46 31.09 27.14
N LYS A 163 10.34 30.62 27.70
CA LYS A 163 9.33 29.96 26.88
C LYS A 163 8.59 30.95 25.99
N ALA A 164 8.35 32.17 26.48
CA ALA A 164 7.80 33.21 25.63
C ALA A 164 8.68 33.46 24.41
N ALA A 165 10.00 33.43 24.58
CA ALA A 165 10.89 33.77 23.48
C ALA A 165 10.84 32.73 22.34
N ILE A 166 10.39 31.51 22.61
CA ILE A 166 10.26 30.50 21.58
C ILE A 166 9.35 31.00 20.48
N HIS A 167 9.77 30.80 19.23
CA HIS A 167 8.99 31.30 18.10
C HIS A 167 9.34 30.45 16.89
N LEU A 168 8.36 29.78 16.31
CA LEU A 168 8.62 28.86 15.21
C LEU A 168 8.44 29.51 13.84
N TYR A 169 8.20 30.80 13.81
CA TYR A 169 8.04 31.58 12.59
C TYR A 169 8.78 32.90 12.74
N PRO A 170 10.06 32.86 13.08
CA PRO A 170 10.77 34.10 13.38
C PRO A 170 11.00 34.93 12.15
N GLU A 171 11.07 36.24 12.36
CA GLU A 171 11.17 37.20 11.26
C GLU A 171 12.39 36.94 10.37
N ALA A 172 13.52 36.56 10.95
CA ALA A 172 14.73 36.34 10.17
C ALA A 172 14.64 35.15 9.24
N LEU A 173 13.76 34.22 9.50
CA LEU A 173 13.62 33.01 8.70
C LEU A 173 12.33 32.96 7.89
N LYS A 174 11.49 33.98 8.00
CA LYS A 174 10.12 33.90 7.51
C LYS A 174 10.08 33.69 6.01
N SER A 175 10.95 34.37 5.28
CA SER A 175 10.90 34.28 3.83
C SER A 175 11.33 32.89 3.38
N GLU A 176 12.34 32.29 4.04
CA GLU A 176 12.71 30.92 3.71
C GLU A 176 11.63 29.93 4.16
N ILE A 177 10.99 30.20 5.28
CA ILE A 177 9.89 29.32 5.71
C ILE A 177 8.74 29.39 4.71
N ASP A 178 8.36 30.58 4.31
CA ASP A 178 7.22 30.71 3.40
C ASP A 178 7.49 30.01 2.08
N GLU A 179 8.72 30.11 1.60
CA GLU A 179 9.10 29.57 0.31
C GLU A 179 9.01 28.04 0.30
N ILE A 180 9.47 27.41 1.37
CA ILE A 180 9.38 25.95 1.42
C ILE A 180 7.94 25.52 1.72
N ASN A 181 7.23 26.26 2.58
CA ASN A 181 5.85 25.91 2.93
C ASN A 181 4.96 25.86 1.70
N GLU A 182 5.17 26.77 0.76
CA GLU A 182 4.24 26.88 -0.37
C GLU A 182 4.16 25.56 -1.13
N TRP A 183 5.31 24.99 -1.51
CA TRP A 183 5.26 23.77 -2.29
C TRP A 183 5.11 22.55 -1.41
N VAL A 184 5.60 22.60 -0.17
CA VAL A 184 5.33 21.50 0.74
C VAL A 184 3.83 21.37 0.95
N TYR A 185 3.15 22.48 1.20
CA TYR A 185 1.70 22.43 1.35
C TYR A 185 1.02 21.88 0.10
N ASP A 186 1.38 22.42 -1.06
CA ASP A 186 0.59 22.13 -2.26
C ASP A 186 0.79 20.69 -2.71
N THR A 187 2.03 20.22 -2.72
CA THR A 187 2.38 18.93 -3.32
C THR A 187 2.62 17.81 -2.32
N VAL A 188 2.77 18.10 -1.02
CA VAL A 188 3.04 17.07 -0.03
C VAL A 188 1.90 17.01 1.00
N ASN A 189 1.71 18.09 1.77
CA ASN A 189 0.66 18.06 2.78
C ASN A 189 -0.69 17.80 2.16
N ASN A 190 -1.05 18.55 1.13
CA ASN A 190 -2.27 18.30 0.41
C ASN A 190 -2.08 17.26 -0.70
N GLY A 191 -0.85 17.07 -1.16
CA GLY A 191 -0.59 16.13 -2.24
C GLY A 191 -1.05 14.72 -1.91
N VAL A 192 -0.80 14.27 -0.69
CA VAL A 192 -1.19 12.91 -0.34
C VAL A 192 -2.68 12.73 -0.49
N TYR A 193 -3.40 13.77 -0.17
CA TYR A 193 -4.84 13.76 -0.27
C TYR A 193 -5.32 13.85 -1.74
N LYS A 194 -4.64 14.65 -2.54
CA LYS A 194 -4.98 14.74 -3.95
C LYS A 194 -4.78 13.41 -4.64
N ALA A 195 -3.76 12.66 -4.21
CA ALA A 195 -3.52 11.31 -4.73
C ALA A 195 -4.54 10.30 -4.16
N GLY A 196 -4.72 10.30 -2.86
CA GLY A 196 -5.56 9.32 -2.22
C GLY A 196 -7.04 9.47 -2.45
N PHE A 197 -7.51 10.69 -2.65
CA PHE A 197 -8.93 10.92 -2.92
C PHE A 197 -9.23 11.02 -4.41
N ALA A 198 -8.22 10.88 -5.27
CA ALA A 198 -8.47 10.89 -6.70
C ALA A 198 -9.36 9.73 -7.07
N THR A 199 -10.25 9.94 -8.03
CA THR A 199 -11.15 8.88 -8.48
C THR A 199 -10.94 8.52 -9.95
N THR A 200 -9.97 9.12 -10.61
CA THR A 200 -9.54 8.68 -11.92
C THR A 200 -8.05 8.39 -11.88
N GLN A 201 -7.63 7.48 -12.75
CA GLN A 201 -6.22 7.18 -12.87
C GLN A 201 -5.40 8.44 -13.18
N GLN A 202 -5.92 9.33 -14.04
CA GLN A 202 -5.12 10.48 -14.46
C GLN A 202 -4.91 11.44 -13.30
N ALA A 203 -5.97 11.69 -12.54
CA ALA A 203 -5.88 12.57 -11.38
C ALA A 203 -4.93 12.02 -10.33
N TYR A 204 -5.00 10.71 -10.07
CA TYR A 204 -4.06 10.08 -9.13
C TYR A 204 -2.60 10.28 -9.57
N GLU A 205 -2.30 10.02 -10.84
CA GLU A 205 -0.93 10.15 -11.28
C GLU A 205 -0.47 11.61 -11.27
N ALA A 206 -1.37 12.53 -11.56
CA ALA A 206 -1.01 13.95 -11.58
C ALA A 206 -0.70 14.46 -10.18
N ALA A 207 -1.18 13.79 -9.15
CA ALA A 207 -0.86 14.11 -7.77
C ALA A 207 0.36 13.37 -7.23
N VAL A 208 0.49 12.08 -7.54
CA VAL A 208 1.51 11.25 -6.88
C VAL A 208 2.89 11.60 -7.42
N ILE A 209 2.98 12.01 -8.67
CA ILE A 209 4.28 12.27 -9.29
C ILE A 209 4.88 13.52 -8.65
N PRO A 210 4.19 14.66 -8.61
CA PRO A 210 4.79 15.82 -7.93
C PRO A 210 5.01 15.60 -6.45
N LEU A 211 4.22 14.76 -5.81
CA LEU A 211 4.49 14.44 -4.41
C LEU A 211 5.89 13.87 -4.26
N PHE A 212 6.22 12.86 -5.05
CA PHE A 212 7.51 12.23 -4.91
C PHE A 212 8.61 13.10 -5.50
N GLU A 213 8.29 13.97 -6.44
CA GLU A 213 9.28 14.94 -6.88
C GLU A 213 9.63 15.88 -5.72
N SER A 214 8.63 16.27 -4.94
CA SER A 214 8.93 17.15 -3.83
C SER A 214 9.65 16.41 -2.72
N LEU A 215 9.39 15.12 -2.56
CA LEU A 215 10.14 14.34 -1.58
C LEU A 215 11.60 14.23 -2.02
N ASP A 216 11.82 13.90 -3.29
CA ASP A 216 13.18 13.96 -3.82
C ASP A 216 13.86 15.28 -3.48
N ARG A 217 13.14 16.39 -3.65
CA ARG A 217 13.72 17.71 -3.38
C ARG A 217 14.02 17.89 -1.89
N LEU A 218 13.09 17.48 -1.03
CA LEU A 218 13.29 17.61 0.40
C LEU A 218 14.46 16.78 0.88
N GLU A 219 14.61 15.58 0.30
CA GLU A 219 15.75 14.74 0.61
C GLU A 219 17.06 15.47 0.43
N LYS A 220 17.21 16.18 -0.68
CA LYS A 220 18.45 16.94 -0.88
C LYS A 220 18.56 18.05 0.15
N ILE A 221 17.45 18.72 0.45
CA ILE A 221 17.48 19.81 1.41
C ILE A 221 17.96 19.32 2.76
N LEU A 222 17.47 18.17 3.19
CA LEU A 222 17.74 17.62 4.53
C LEU A 222 19.01 16.78 4.62
N THR A 223 19.74 16.65 3.52
CA THR A 223 21.00 15.91 3.55
C THR A 223 22.00 16.63 4.44
N GLY A 224 22.46 15.96 5.50
CA GLY A 224 23.38 16.56 6.42
C GLY A 224 22.79 17.68 7.27
N LYS A 225 21.47 17.71 7.45
CA LYS A 225 20.82 18.75 8.23
C LYS A 225 19.80 18.11 9.16
N ASP A 226 19.60 18.76 10.31
CA ASP A 226 18.61 18.36 11.31
C ASP A 226 17.29 19.12 11.18
N TYR A 227 17.26 20.23 10.45
CA TYR A 227 16.05 21.03 10.27
C TYR A 227 16.03 21.60 8.86
N LEU A 228 14.82 21.91 8.39
CA LEU A 228 14.63 22.39 7.02
C LEU A 228 15.17 23.80 6.81
N VAL A 229 15.18 24.65 7.84
CA VAL A 229 15.44 26.08 7.67
C VAL A 229 16.24 26.57 8.87
N GLY A 230 17.40 27.17 8.63
CA GLY A 230 18.14 27.93 9.63
C GLY A 230 18.79 27.10 10.70
N ASP A 231 18.89 25.80 10.49
CA ASP A 231 19.46 24.89 11.47
C ASP A 231 18.73 24.99 12.82
N GLN A 232 17.42 25.20 12.78
CA GLN A 232 16.62 25.18 14.00
C GLN A 232 15.21 24.82 13.67
N LEU A 233 14.54 24.26 14.69
CA LEU A 233 13.13 23.90 14.56
C LEU A 233 12.31 25.13 14.19
N THR A 234 11.53 24.99 13.12
CA THR A 234 10.54 25.97 12.70
C THR A 234 9.23 25.29 12.36
N GLU A 235 8.22 26.10 12.08
CA GLU A 235 6.94 25.54 11.70
C GLU A 235 7.01 24.77 10.38
N ALA A 236 8.00 25.07 9.54
CA ALA A 236 8.20 24.26 8.34
C ALA A 236 8.43 22.80 8.70
N ASP A 237 9.22 22.55 9.73
CA ASP A 237 9.43 21.18 10.20
C ASP A 237 8.14 20.58 10.74
N VAL A 238 7.40 21.35 11.54
CA VAL A 238 6.17 20.83 12.12
C VAL A 238 5.20 20.46 11.01
N ARG A 239 5.06 21.34 10.01
CA ARG A 239 4.07 21.12 8.97
C ARG A 239 4.45 19.94 8.08
N LEU A 240 5.73 19.79 7.77
CA LEU A 240 6.16 18.62 7.00
C LEU A 240 6.02 17.34 7.82
N PHE A 241 6.51 17.37 9.07
CA PHE A 241 6.49 16.21 9.95
C PHE A 241 5.14 15.49 9.99
N VAL A 242 4.05 16.24 10.18
CA VAL A 242 2.75 15.60 10.36
C VAL A 242 2.37 14.79 9.12
N THR A 243 2.90 15.15 7.96
CA THR A 243 2.61 14.30 6.80
C THR A 243 3.56 13.13 6.78
N ILE A 244 4.84 13.38 7.01
CA ILE A 244 5.80 12.33 6.82
C ILE A 244 5.61 11.24 7.88
N ILE A 245 5.23 11.62 9.10
CA ILE A 245 5.09 10.58 10.15
C ILE A 245 3.92 9.61 9.83
N ARG A 246 2.98 10.03 9.01
CA ARG A 246 1.86 9.23 8.60
C ARG A 246 2.14 8.47 7.31
N PHE A 247 3.32 8.69 6.71
CA PHE A 247 3.55 8.27 5.34
C PHE A 247 3.66 6.75 5.23
N ASP A 248 4.64 6.16 5.89
CA ASP A 248 4.84 4.73 5.81
C ASP A 248 3.67 4.02 6.51
N PRO A 249 3.14 4.56 7.61
CA PRO A 249 2.05 3.86 8.29
C PRO A 249 0.70 3.87 7.58
N ALA A 250 0.41 4.81 6.67
CA ALA A 250 -0.92 4.88 6.09
C ALA A 250 -0.97 5.40 4.65
N TYR A 251 -0.24 6.48 4.35
CA TYR A 251 -0.34 7.05 2.99
C TYR A 251 0.19 6.07 1.93
N VAL A 252 1.27 5.36 2.22
CA VAL A 252 1.85 4.47 1.21
C VAL A 252 0.81 3.48 0.73
N GLY A 253 0.13 2.81 1.66
CA GLY A 253 -0.89 1.89 1.26
C GLY A 253 -2.25 2.48 0.94
N HIS A 254 -2.89 3.09 1.94
CA HIS A 254 -4.27 3.53 1.77
C HIS A 254 -4.42 4.51 0.62
N PHE A 255 -3.51 5.48 0.52
CA PHE A 255 -3.55 6.53 -0.49
C PHE A 255 -2.66 6.24 -1.70
N LYS A 256 -2.04 5.07 -1.74
CA LYS A 256 -1.30 4.61 -2.92
C LYS A 256 -0.09 5.49 -3.20
N CYS A 257 0.44 6.15 -2.16
CA CYS A 257 1.62 6.98 -2.33
C CYS A 257 2.87 6.11 -2.16
N ASN A 258 3.11 5.26 -3.15
CA ASN A 258 3.95 4.09 -2.93
C ASN A 258 5.13 3.96 -3.90
N LEU A 259 5.52 5.03 -4.59
CA LEU A 259 6.70 4.91 -5.44
C LEU A 259 7.90 4.43 -4.64
N ARG A 260 8.07 4.96 -3.44
CA ARG A 260 9.02 4.44 -2.46
C ARG A 260 8.53 4.80 -1.06
N THR A 261 9.22 4.28 -0.04
CA THR A 261 8.86 4.58 1.33
C THR A 261 9.84 5.55 1.93
N ILE A 262 9.42 6.20 3.01
CA ILE A 262 10.36 7.08 3.71
C ILE A 262 11.54 6.27 4.21
N ARG A 263 11.26 5.14 4.88
CA ARG A 263 12.32 4.45 5.61
C ARG A 263 13.34 3.80 4.69
N ASP A 264 12.94 3.39 3.48
CA ASP A 264 13.91 2.78 2.59
C ASP A 264 14.20 3.55 1.31
N GLY A 265 13.46 4.62 1.02
CA GLY A 265 13.70 5.46 -0.14
C GLY A 265 14.28 6.84 0.11
N TYR A 266 14.27 7.31 1.37
CA TYR A 266 14.68 8.69 1.68
C TYR A 266 15.44 8.75 3.00
N PRO A 267 16.73 8.41 2.99
CA PRO A 267 17.49 8.35 4.24
C PRO A 267 17.65 9.70 4.95
N ALA A 268 17.74 10.81 4.22
CA ALA A 268 17.84 12.09 4.92
C ALA A 268 16.50 12.50 5.54
N ILE A 269 15.38 12.29 4.84
CA ILE A 269 14.06 12.55 5.43
C ILE A 269 13.84 11.61 6.59
N HIS A 270 14.37 10.40 6.50
CA HIS A 270 14.08 9.38 7.50
C HIS A 270 14.82 9.69 8.79
N LEU A 271 16.02 10.24 8.66
CA LEU A 271 16.83 10.60 9.83
C LEU A 271 16.31 11.87 10.50
N TRP A 272 15.90 12.84 9.67
CA TRP A 272 15.24 14.05 10.15
C TRP A 272 13.95 13.70 10.90
N LEU A 273 13.18 12.80 10.31
CA LEU A 273 11.92 12.36 10.90
C LEU A 273 12.14 11.65 12.24
N ARG A 274 13.15 10.80 12.32
CA ARG A 274 13.36 10.04 13.54
C ARG A 274 13.98 10.89 14.65
N LYS A 275 14.83 11.85 14.30
CA LYS A 275 15.37 12.73 15.32
C LYS A 275 14.26 13.54 15.96
N LEU A 276 13.37 14.12 15.16
CA LEU A 276 12.25 14.86 15.71
C LEU A 276 11.38 13.99 16.62
N TYR A 277 11.07 12.75 16.18
CA TYR A 277 10.13 11.91 16.94
C TYR A 277 10.75 11.42 18.24
N TRP A 278 11.98 10.93 18.17
CA TRP A 278 12.61 10.30 19.32
C TRP A 278 13.26 11.30 20.26
N ASN A 279 13.65 12.48 19.75
CA ASN A 279 14.37 13.43 20.58
C ASN A 279 13.53 14.61 21.05
N ASN A 280 12.32 14.81 20.54
CA ASN A 280 11.48 15.93 20.95
C ASN A 280 10.11 15.39 21.33
N SER A 281 9.83 15.36 22.61
CA SER A 281 8.59 14.77 23.12
C SER A 281 7.33 15.45 22.57
N ALA A 282 7.39 16.70 22.10
CA ALA A 282 6.21 17.30 21.51
C ALA A 282 5.74 16.51 20.29
N PHE A 283 6.67 15.85 19.63
CA PHE A 283 6.36 15.13 18.39
C PHE A 283 5.94 13.69 18.65
N SER A 284 6.49 13.04 19.68
CA SER A 284 6.08 11.67 19.96
C SER A 284 4.82 11.63 20.82
N GLU A 285 4.68 12.52 21.80
CA GLU A 285 3.54 12.45 22.70
C GLU A 285 2.23 12.78 21.99
N THR A 286 2.30 13.50 20.87
CA THR A 286 1.13 13.87 20.11
C THR A 286 0.89 12.92 18.96
N CYS A 287 1.68 11.86 18.87
CA CYS A 287 1.64 10.93 17.73
C CYS A 287 1.02 9.60 18.15
N LYS A 288 -0.20 9.36 17.69
CA LYS A 288 -1.00 8.17 18.05
C LYS A 288 -1.23 7.34 16.79
N PHE A 289 -0.38 6.34 16.57
CA PHE A 289 -0.42 5.60 15.32
C PHE A 289 -1.70 4.78 15.20
N ASP A 290 -2.28 4.36 16.32
CA ASP A 290 -3.53 3.63 16.26
C ASP A 290 -4.66 4.52 15.79
N HIS A 291 -4.71 5.75 16.29
CA HIS A 291 -5.65 6.73 15.80
C HIS A 291 -5.47 6.96 14.30
N ILE A 292 -4.23 7.12 13.89
CA ILE A 292 -3.91 7.44 12.50
C ILE A 292 -4.43 6.33 11.59
N LYS A 293 -3.99 5.11 11.83
CA LYS A 293 -4.35 4.00 10.95
C LYS A 293 -5.84 3.73 11.02
N ALA A 294 -6.41 3.75 12.22
CA ALA A 294 -7.84 3.49 12.30
C ALA A 294 -8.61 4.48 11.43
N SER A 295 -8.20 5.75 11.46
CA SER A 295 -8.92 6.79 10.73
C SER A 295 -8.88 6.53 9.22
N TYR A 296 -7.69 6.37 8.67
CA TYR A 296 -7.63 6.28 7.23
C TYR A 296 -8.29 5.01 6.75
N TYR A 297 -8.06 3.91 7.44
CA TYR A 297 -8.58 2.66 6.89
C TYR A 297 -10.06 2.45 7.20
N ALA A 298 -10.67 3.33 7.99
CA ALA A 298 -12.12 3.37 8.15
C ALA A 298 -12.82 4.03 6.95
N GLN A 299 -12.08 4.55 5.99
CA GLN A 299 -12.69 5.30 4.87
C GLN A 299 -13.29 4.29 3.90
N LYS A 300 -14.62 4.12 4.00
CA LYS A 300 -15.34 3.08 3.27
C LYS A 300 -15.18 3.23 1.77
N ASN A 301 -15.15 4.47 1.29
CA ASN A 301 -15.15 4.73 -0.14
C ASN A 301 -13.85 4.31 -0.79
N VAL A 302 -12.81 4.07 0.00
CA VAL A 302 -11.51 3.66 -0.50
C VAL A 302 -11.16 2.25 -0.03
N ASN A 303 -11.57 1.91 1.18
CA ASN A 303 -11.24 0.63 1.79
C ASN A 303 -12.51 0.00 2.31
N PRO A 304 -13.37 -0.50 1.42
CA PRO A 304 -14.68 -0.99 1.87
C PRO A 304 -14.62 -2.17 2.81
N THR A 305 -13.55 -2.98 2.81
CA THR A 305 -13.46 -4.05 3.79
C THR A 305 -13.30 -3.51 5.20
N LEU A 306 -12.81 -2.28 5.34
CA LEU A 306 -12.52 -1.64 6.63
C LEU A 306 -11.42 -2.36 7.40
N VAL A 307 -10.72 -3.29 6.77
CA VAL A 307 -9.62 -3.96 7.45
C VAL A 307 -8.47 -2.97 7.64
N VAL A 308 -7.77 -3.10 8.76
CA VAL A 308 -6.64 -2.24 9.08
C VAL A 308 -5.37 -3.07 9.00
N PRO A 309 -4.42 -2.72 8.15
CA PRO A 309 -3.25 -3.58 7.97
C PRO A 309 -2.39 -3.62 9.22
N LEU A 310 -1.76 -4.76 9.44
CA LEU A 310 -0.95 -4.93 10.63
C LEU A 310 0.39 -4.24 10.52
N GLY A 311 0.83 -3.95 9.30
CA GLY A 311 2.09 -3.28 9.09
C GLY A 311 1.91 -1.82 8.74
N PRO A 312 3.01 -1.10 8.53
CA PRO A 312 4.36 -1.61 8.63
C PRO A 312 4.78 -1.81 10.06
N ILE A 313 5.68 -2.76 10.27
CA ILE A 313 6.27 -2.97 11.58
C ILE A 313 7.71 -2.49 11.53
N PRO A 314 8.06 -1.50 12.36
CA PRO A 314 7.31 -0.63 13.27
C PRO A 314 6.69 0.58 12.59
N ASN A 315 5.84 1.30 13.33
CA ASN A 315 5.32 2.53 12.77
C ASN A 315 6.45 3.50 12.47
N ILE A 316 7.44 3.58 13.34
CA ILE A 316 8.63 4.38 13.08
C ILE A 316 9.80 3.63 13.68
N LEU A 317 10.89 3.53 12.92
CA LEU A 317 12.06 2.77 13.34
C LEU A 317 12.85 3.59 14.33
N PRO A 318 13.68 2.92 15.13
CA PRO A 318 14.45 3.61 16.17
C PRO A 318 15.58 4.43 15.59
N LEU A 319 16.10 5.32 16.44
CA LEU A 319 17.09 6.27 15.98
C LEU A 319 18.49 5.69 15.95
N HIS A 320 18.69 4.50 16.48
CA HIS A 320 20.01 3.88 16.47
C HIS A 320 21.01 4.76 17.24
N THR B 30 -12.08 -31.43 -12.17
CA THR B 30 -12.04 -32.81 -12.69
C THR B 30 -11.35 -32.92 -14.04
N PHE B 31 -10.32 -32.10 -14.25
CA PHE B 31 -9.48 -32.18 -15.46
C PHE B 31 -8.05 -32.40 -15.00
N ARG B 32 -7.71 -33.64 -14.72
CA ARG B 32 -6.43 -34.00 -14.14
C ARG B 32 -5.75 -35.08 -14.95
N ARG B 33 -5.66 -34.86 -16.26
CA ARG B 33 -5.04 -35.81 -17.15
C ARG B 33 -3.61 -35.42 -17.48
N PHE B 34 -2.85 -36.36 -18.06
CA PHE B 34 -1.43 -36.21 -18.31
C PHE B 34 -1.13 -36.47 -19.80
N ILE B 35 0.13 -36.22 -20.18
CA ILE B 35 0.58 -36.36 -21.56
C ILE B 35 1.69 -37.40 -21.57
N GLU B 36 1.41 -38.57 -22.13
CA GLU B 36 2.30 -39.71 -22.02
C GLU B 36 2.29 -40.49 -23.32
N LYS B 37 3.46 -41.04 -23.69
CA LYS B 37 3.55 -41.89 -24.87
C LYS B 37 2.68 -43.12 -24.68
N GLY B 38 1.79 -43.36 -25.64
CA GLY B 38 0.84 -44.42 -25.53
C GLY B 38 -0.41 -44.08 -24.75
N GLY B 39 -0.47 -42.90 -24.16
CA GLY B 39 -1.61 -42.53 -23.36
C GLY B 39 -2.72 -41.91 -24.18
N GLU B 40 -3.77 -41.52 -23.46
CA GLU B 40 -4.88 -40.80 -24.08
C GLU B 40 -4.38 -39.59 -24.85
N PHE B 41 -3.40 -38.87 -24.30
CA PHE B 41 -2.86 -37.65 -24.89
C PHE B 41 -1.38 -37.85 -25.25
N GLU B 42 -1.13 -38.21 -26.50
CA GLU B 42 0.20 -38.50 -26.95
C GLU B 42 1.03 -37.22 -27.06
N PRO B 43 2.29 -37.23 -26.63
CA PRO B 43 3.17 -36.08 -26.87
C PRO B 43 3.29 -35.79 -28.36
N GLU B 44 3.04 -34.53 -28.73
CA GLU B 44 3.09 -34.07 -30.11
C GLU B 44 3.32 -32.57 -30.14
N LYS B 45 4.12 -32.10 -31.11
CA LYS B 45 4.32 -30.68 -31.33
C LYS B 45 3.06 -30.02 -31.88
N GLY B 46 2.81 -28.81 -31.43
CA GLY B 46 1.76 -28.01 -32.02
C GLY B 46 0.36 -28.48 -31.67
N ARG B 47 0.23 -29.40 -30.72
CA ARG B 47 -1.06 -29.97 -30.37
C ARG B 47 -1.65 -29.41 -29.09
N TYR B 48 -0.80 -29.06 -28.12
CA TYR B 48 -1.23 -28.65 -26.79
C TYR B 48 -0.93 -27.17 -26.60
N HIS B 49 -1.83 -26.52 -25.88
CA HIS B 49 -1.91 -25.07 -25.83
C HIS B 49 -2.23 -24.65 -24.42
N LEU B 50 -1.54 -23.62 -23.94
CA LEU B 50 -1.79 -23.07 -22.62
C LEU B 50 -2.58 -21.79 -22.74
N TYR B 51 -3.74 -21.73 -22.08
CA TYR B 51 -4.45 -20.46 -21.92
C TYR B 51 -4.11 -19.91 -20.52
N VAL B 52 -3.58 -18.71 -20.48
CA VAL B 52 -3.00 -18.17 -19.24
C VAL B 52 -3.38 -16.70 -19.13
N ALA B 53 -3.29 -16.20 -17.91
CA ALA B 53 -3.26 -14.78 -17.64
C ALA B 53 -1.90 -14.47 -17.02
N TYR B 54 -1.22 -13.45 -17.55
CA TYR B 54 0.08 -13.06 -17.04
C TYR B 54 0.00 -12.64 -15.57
N SER B 55 -1.16 -12.23 -15.12
CA SER B 55 -1.26 -11.80 -13.71
C SER B 55 -1.31 -12.99 -12.77
N SER B 56 -1.82 -14.13 -13.21
CA SER B 56 -2.00 -15.29 -12.34
C SER B 56 -0.65 -15.89 -11.96
N PRO B 57 -0.28 -15.96 -10.65
CA PRO B 57 0.94 -16.73 -10.32
C PRO B 57 0.84 -18.18 -10.74
N TRP B 58 -0.35 -18.75 -10.56
CA TRP B 58 -0.60 -20.14 -10.89
C TRP B 58 -0.31 -20.41 -12.35
N ALA B 59 -0.88 -19.57 -13.23
CA ALA B 59 -0.64 -19.74 -14.66
C ALA B 59 0.80 -19.40 -15.01
N THR B 60 1.37 -18.40 -14.34
CA THR B 60 2.74 -18.02 -14.66
C THR B 60 3.72 -19.13 -14.33
N ARG B 61 3.39 -20.03 -13.38
CA ARG B 61 4.26 -21.19 -13.15
C ARG B 61 4.50 -21.95 -14.46
N THR B 62 3.45 -22.14 -15.21
CA THR B 62 3.57 -22.91 -16.43
C THR B 62 4.29 -22.14 -17.53
N LEU B 63 4.23 -20.80 -17.53
CA LEU B 63 5.00 -20.04 -18.48
C LEU B 63 6.47 -20.14 -18.20
N ILE B 64 6.86 -20.03 -16.92
CA ILE B 64 8.25 -20.13 -16.55
C ILE B 64 8.82 -21.48 -16.97
N VAL B 65 8.12 -22.58 -16.66
CA VAL B 65 8.65 -23.90 -16.95
C VAL B 65 8.63 -24.18 -18.45
N ARG B 66 7.64 -23.67 -19.16
CA ARG B 66 7.67 -23.71 -20.62
C ARG B 66 8.98 -23.11 -21.17
N LYS B 67 9.40 -21.95 -20.66
CA LYS B 67 10.68 -21.41 -21.12
C LYS B 67 11.85 -22.22 -20.59
N ILE B 68 11.76 -22.72 -19.36
CA ILE B 68 12.90 -23.47 -18.81
C ILE B 68 13.19 -24.70 -19.66
N LYS B 69 12.16 -25.41 -20.05
CA LYS B 69 12.30 -26.65 -20.80
C LYS B 69 12.41 -26.44 -22.31
N GLY B 70 12.48 -25.18 -22.74
CA GLY B 70 12.58 -24.85 -24.14
C GLY B 70 11.40 -25.29 -24.98
N LEU B 71 10.18 -25.13 -24.45
CA LEU B 71 8.98 -25.64 -25.10
C LEU B 71 8.19 -24.58 -25.85
N GLU B 72 8.74 -23.38 -26.03
CA GLU B 72 7.97 -22.26 -26.56
C GLU B 72 7.43 -22.55 -27.95
N GLU B 73 8.14 -23.37 -28.72
CA GLU B 73 7.72 -23.66 -30.09
C GLU B 73 7.15 -25.06 -30.20
N ILE B 74 6.88 -25.69 -29.05
CA ILE B 74 6.25 -26.99 -29.00
C ILE B 74 4.84 -26.90 -28.40
N VAL B 75 4.66 -26.02 -27.42
CA VAL B 75 3.38 -25.79 -26.73
C VAL B 75 3.04 -24.30 -26.89
N GLY B 76 1.89 -24.02 -27.46
CA GLY B 76 1.47 -22.66 -27.68
C GLY B 76 0.90 -22.03 -26.42
N VAL B 77 0.73 -20.72 -26.50
CA VAL B 77 0.22 -19.90 -25.40
C VAL B 77 -0.71 -18.83 -25.94
N THR B 78 -1.86 -18.66 -25.28
CA THR B 78 -2.70 -17.48 -25.47
C THR B 78 -2.81 -16.72 -24.15
N ILE B 79 -2.60 -15.41 -24.22
CA ILE B 79 -2.64 -14.49 -23.09
C ILE B 79 -4.02 -13.87 -22.98
N VAL B 80 -4.74 -14.18 -21.89
CA VAL B 80 -6.07 -13.60 -21.72
C VAL B 80 -5.93 -12.22 -21.11
N SER B 81 -7.01 -11.45 -21.18
CA SER B 81 -7.00 -10.11 -20.60
C SER B 81 -6.80 -10.21 -19.09
N PRO B 82 -5.99 -9.33 -18.49
CA PRO B 82 -5.87 -9.36 -17.04
C PRO B 82 -7.06 -8.75 -16.33
N LEU B 83 -8.04 -8.23 -17.07
CA LEU B 83 -9.16 -7.49 -16.50
C LEU B 83 -10.30 -8.46 -16.17
N PHE B 84 -10.15 -9.11 -15.04
CA PHE B 84 -11.11 -10.11 -14.62
C PHE B 84 -12.50 -9.49 -14.46
N SER B 85 -13.51 -10.18 -14.97
CA SER B 85 -14.86 -9.65 -15.11
C SER B 85 -15.83 -10.55 -14.36
N ALA B 86 -17.09 -10.12 -14.36
CA ALA B 86 -18.18 -10.93 -13.82
C ALA B 86 -18.37 -12.22 -14.61
N HIS B 87 -17.89 -12.26 -15.85
CA HIS B 87 -17.90 -13.48 -16.63
C HIS B 87 -16.56 -14.20 -16.58
N GLY B 88 -15.68 -13.78 -15.68
CA GLY B 88 -14.38 -14.37 -15.58
C GLY B 88 -13.35 -13.70 -16.46
N TRP B 89 -12.32 -14.48 -16.81
CA TRP B 89 -11.22 -14.04 -17.65
C TRP B 89 -11.69 -13.76 -19.07
N PRO B 90 -11.69 -12.53 -19.53
CA PRO B 90 -11.98 -12.27 -20.95
C PRO B 90 -10.74 -12.43 -21.82
N PHE B 91 -10.98 -12.71 -23.10
CA PHE B 91 -9.92 -12.65 -24.09
C PHE B 91 -9.69 -11.18 -24.49
N GLY B 92 -8.55 -10.95 -25.16
CA GLY B 92 -8.06 -9.62 -25.41
C GLY B 92 -8.90 -8.80 -26.36
N ASP B 93 -9.70 -9.45 -27.18
CA ASP B 93 -10.63 -8.68 -28.00
C ASP B 93 -11.84 -8.23 -27.21
N VAL B 94 -12.18 -8.93 -26.13
CA VAL B 94 -13.32 -8.55 -25.32
C VAL B 94 -12.95 -7.40 -24.38
N SER B 95 -11.83 -7.51 -23.69
CA SER B 95 -11.35 -6.50 -22.75
C SER B 95 -9.91 -6.20 -23.13
N PRO B 96 -9.69 -5.27 -24.05
CA PRO B 96 -8.34 -5.02 -24.53
C PRO B 96 -7.39 -4.57 -23.43
N PHE B 97 -6.15 -5.05 -23.54
CA PHE B 97 -5.04 -4.72 -22.68
C PHE B 97 -3.78 -5.04 -23.47
N PRO B 98 -2.77 -4.20 -23.43
CA PRO B 98 -1.55 -4.49 -24.19
C PRO B 98 -0.97 -5.86 -23.91
N GLY B 99 -0.92 -6.68 -24.95
CA GLY B 99 -0.38 -8.01 -24.84
C GLY B 99 -1.42 -9.09 -24.64
N ALA B 100 -2.68 -8.73 -24.35
CA ALA B 100 -3.73 -9.69 -24.22
C ALA B 100 -4.23 -10.03 -25.63
N GLU B 101 -4.53 -11.29 -25.84
CA GLU B 101 -4.78 -11.80 -27.17
C GLU B 101 -6.20 -12.33 -27.31
N ALA B 102 -6.67 -12.36 -28.55
CA ALA B 102 -7.90 -13.10 -28.83
C ALA B 102 -7.62 -14.60 -28.87
N ASP B 103 -8.66 -15.39 -28.58
CA ASP B 103 -8.58 -16.83 -28.69
C ASP B 103 -8.38 -17.23 -30.15
N PRO B 104 -7.29 -17.93 -30.50
CA PRO B 104 -7.04 -18.22 -31.92
C PRO B 104 -7.87 -19.35 -32.50
N PHE B 105 -8.52 -20.19 -31.69
CA PHE B 105 -9.08 -21.43 -32.19
C PHE B 105 -10.61 -21.49 -32.21
N TYR B 106 -11.31 -20.85 -31.26
CA TYR B 106 -12.75 -21.07 -31.11
C TYR B 106 -13.57 -19.79 -31.02
N ASN B 107 -13.01 -18.63 -31.31
CA ASN B 107 -13.70 -17.34 -31.09
C ASN B 107 -14.25 -17.23 -29.68
N ALA B 108 -13.60 -17.86 -28.72
CA ALA B 108 -14.05 -17.76 -27.35
C ALA B 108 -14.01 -16.31 -26.86
N GLN B 109 -14.98 -15.94 -26.02
CA GLN B 109 -15.00 -14.61 -25.38
C GLN B 109 -14.40 -14.61 -23.99
N TYR B 110 -14.65 -15.66 -23.23
CA TYR B 110 -14.17 -15.85 -21.87
C TYR B 110 -13.63 -17.25 -21.73
N VAL B 111 -12.78 -17.44 -20.74
CA VAL B 111 -12.16 -18.73 -20.52
C VAL B 111 -13.21 -19.80 -20.24
N ARG B 112 -14.34 -19.41 -19.65
CA ARG B 112 -15.43 -20.35 -19.38
C ARG B 112 -15.89 -21.01 -20.66
N ASP B 113 -15.86 -20.27 -21.76
CA ASP B 113 -16.28 -20.82 -23.03
C ASP B 113 -15.44 -22.03 -23.41
N LEU B 114 -14.18 -22.08 -22.96
CA LEU B 114 -13.34 -23.24 -23.30
C LEU B 114 -13.76 -24.45 -22.51
N TYR B 115 -13.84 -24.29 -21.19
CA TYR B 115 -14.30 -25.36 -20.33
C TYR B 115 -15.63 -25.93 -20.81
N LEU B 116 -16.55 -25.08 -21.22
CA LEU B 116 -17.87 -25.56 -21.59
C LEU B 116 -17.88 -26.16 -22.98
N ARG B 117 -16.83 -25.90 -23.75
CA ARG B 117 -16.62 -26.64 -24.99
C ARG B 117 -16.15 -28.04 -24.68
N ALA B 118 -15.23 -28.16 -23.73
CA ALA B 118 -14.78 -29.47 -23.28
C ALA B 118 -15.91 -30.26 -22.66
N ASP B 119 -16.79 -29.58 -21.93
CA ASP B 119 -17.86 -30.25 -21.20
C ASP B 119 -18.94 -29.22 -20.89
N PRO B 120 -20.08 -29.25 -21.60
CA PRO B 120 -21.14 -28.26 -21.37
C PRO B 120 -21.71 -28.29 -19.97
N LYS B 121 -21.39 -29.30 -19.16
CA LYS B 121 -21.93 -29.42 -17.81
C LYS B 121 -20.91 -29.13 -16.74
N TYR B 122 -19.67 -28.84 -17.11
CA TYR B 122 -18.64 -28.56 -16.13
C TYR B 122 -19.15 -27.51 -15.18
N GLU B 123 -19.03 -27.78 -13.89
CA GLU B 123 -19.43 -26.84 -12.87
C GLU B 123 -18.32 -26.63 -11.86
N GLY B 124 -17.07 -26.67 -12.32
CA GLY B 124 -15.95 -26.19 -11.54
C GLY B 124 -15.69 -24.72 -11.83
N ARG B 125 -14.61 -24.24 -11.24
CA ARG B 125 -14.17 -22.87 -11.45
C ARG B 125 -13.44 -22.78 -12.78
N PHE B 126 -13.60 -21.65 -13.45
CA PHE B 126 -13.05 -21.45 -14.80
C PHE B 126 -11.69 -20.76 -14.71
N THR B 127 -10.74 -21.52 -14.18
CA THR B 127 -9.45 -21.01 -13.79
C THR B 127 -8.43 -21.09 -14.91
N VAL B 128 -7.44 -20.22 -14.82
CA VAL B 128 -6.19 -20.36 -15.56
C VAL B 128 -5.12 -20.86 -14.58
N PRO B 129 -4.19 -21.73 -15.04
CA PRO B 129 -3.95 -22.15 -16.41
C PRO B 129 -4.86 -23.30 -16.92
N VAL B 130 -5.08 -23.29 -18.24
CA VAL B 130 -5.74 -24.40 -18.95
C VAL B 130 -4.66 -25.02 -19.85
N LEU B 131 -4.42 -26.32 -19.70
CA LEU B 131 -3.59 -27.06 -20.66
C LEU B 131 -4.57 -27.79 -21.56
N TRP B 132 -4.68 -27.31 -22.77
CA TRP B 132 -5.73 -27.64 -23.72
C TRP B 132 -5.18 -28.55 -24.81
N ASP B 133 -5.98 -29.52 -25.23
CA ASP B 133 -5.64 -30.36 -26.37
C ASP B 133 -6.48 -29.87 -27.55
N LYS B 134 -5.82 -29.32 -28.57
CA LYS B 134 -6.50 -28.81 -29.76
C LYS B 134 -7.03 -29.91 -30.65
N LYS B 135 -6.54 -31.14 -30.50
CA LYS B 135 -6.99 -32.21 -31.37
C LYS B 135 -8.41 -32.64 -31.00
N THR B 136 -8.64 -33.02 -29.75
CA THR B 136 -9.96 -33.42 -29.29
C THR B 136 -10.76 -32.29 -28.63
N GLU B 137 -10.21 -31.08 -28.53
CA GLU B 137 -10.89 -29.90 -27.98
C GLU B 137 -11.39 -30.16 -26.56
N THR B 138 -10.44 -30.35 -25.67
CA THR B 138 -10.79 -30.60 -24.29
C THR B 138 -9.67 -30.08 -23.40
N VAL B 139 -9.94 -30.06 -22.10
CA VAL B 139 -8.95 -29.70 -21.11
C VAL B 139 -8.22 -30.96 -20.67
N VAL B 140 -6.92 -31.01 -20.96
CA VAL B 140 -6.05 -32.07 -20.46
C VAL B 140 -5.89 -31.94 -18.97
N ASN B 141 -5.46 -30.77 -18.51
CA ASN B 141 -5.12 -30.53 -17.13
C ASN B 141 -5.29 -29.06 -16.80
N ASN B 142 -5.88 -28.76 -15.63
CA ASN B 142 -6.00 -27.37 -15.18
C ASN B 142 -5.48 -27.21 -13.77
N GLU B 143 -4.53 -28.05 -13.40
CA GLU B 143 -3.80 -27.91 -12.14
C GLU B 143 -2.36 -27.52 -12.46
N SER B 144 -1.97 -26.30 -12.06
CA SER B 144 -0.64 -25.79 -12.38
C SER B 144 0.44 -26.67 -11.79
N SER B 145 0.17 -27.31 -10.65
CA SER B 145 1.23 -28.08 -10.03
C SER B 145 1.51 -29.34 -10.84
N GLU B 146 0.50 -29.82 -11.57
CA GLU B 146 0.63 -31.00 -12.42
C GLU B 146 1.12 -30.64 -13.81
N ILE B 147 0.60 -29.57 -14.40
CA ILE B 147 1.11 -29.13 -15.70
C ILE B 147 2.63 -29.03 -15.68
N ILE B 148 3.19 -28.28 -14.72
CA ILE B 148 4.63 -28.10 -14.76
C ILE B 148 5.37 -29.41 -14.60
N ARG B 149 4.77 -30.40 -13.93
CA ARG B 149 5.42 -31.70 -13.83
C ARG B 149 5.28 -32.49 -15.12
N ILE B 150 4.16 -32.35 -15.82
CA ILE B 150 4.09 -32.90 -17.18
C ILE B 150 5.27 -32.42 -17.99
N PHE B 151 5.60 -31.14 -17.86
CA PHE B 151 6.57 -30.50 -18.73
C PHE B 151 7.97 -30.99 -18.50
N ASN B 152 8.23 -31.64 -17.37
CA ASN B 152 9.57 -32.09 -17.06
C ASN B 152 10.05 -33.11 -18.08
N THR B 153 9.16 -33.98 -18.53
CA THR B 153 9.56 -35.09 -19.41
C THR B 153 8.69 -35.31 -20.64
N ALA B 154 7.43 -34.88 -20.66
CA ALA B 154 6.51 -35.43 -21.66
C ALA B 154 6.90 -35.07 -23.10
N PHE B 155 7.64 -33.98 -23.30
CA PHE B 155 7.98 -33.47 -24.63
C PHE B 155 9.47 -33.60 -24.92
N ASN B 156 10.14 -34.41 -24.13
CA ASN B 156 11.59 -34.51 -24.19
C ASN B 156 12.07 -35.01 -25.55
N GLU B 157 11.28 -35.84 -26.23
CA GLU B 157 11.74 -36.32 -27.53
C GLU B 157 11.87 -35.19 -28.54
N PHE B 158 11.25 -34.05 -28.31
CA PHE B 158 11.29 -32.94 -29.22
C PHE B 158 12.33 -31.89 -28.83
N LEU B 159 13.13 -32.17 -27.84
CA LEU B 159 14.01 -31.17 -27.25
C LEU B 159 15.49 -31.48 -27.53
N PRO B 160 16.34 -30.47 -27.63
CA PRO B 160 17.77 -30.75 -27.64
C PRO B 160 18.17 -31.29 -26.29
N ALA B 161 19.39 -31.81 -26.23
CA ALA B 161 19.78 -32.64 -25.09
C ALA B 161 19.90 -31.82 -23.81
N ASP B 162 20.41 -30.59 -23.88
CA ASP B 162 20.52 -29.81 -22.65
C ASP B 162 19.15 -29.52 -22.05
N LYS B 163 18.13 -29.29 -22.90
CA LYS B 163 16.80 -29.00 -22.40
C LYS B 163 16.07 -30.26 -21.98
N ALA B 164 16.28 -31.38 -22.68
CA ALA B 164 15.63 -32.61 -22.29
C ALA B 164 16.11 -33.06 -20.91
N ALA B 165 17.37 -32.79 -20.60
CA ALA B 165 17.97 -33.29 -19.37
C ALA B 165 17.44 -32.59 -18.14
N ILE B 166 16.89 -31.40 -18.32
CA ILE B 166 16.34 -30.60 -17.21
C ILE B 166 15.15 -31.33 -16.61
N HIS B 167 15.16 -31.46 -15.29
CA HIS B 167 14.03 -32.02 -14.55
C HIS B 167 13.89 -31.22 -13.25
N LEU B 168 12.77 -30.57 -13.05
CA LEU B 168 12.64 -29.71 -11.87
C LEU B 168 11.99 -30.42 -10.68
N TYR B 169 11.66 -31.69 -10.81
CA TYR B 169 11.08 -32.47 -9.71
C TYR B 169 11.75 -33.83 -9.65
N PRO B 170 13.08 -33.85 -9.54
CA PRO B 170 13.83 -35.10 -9.67
C PRO B 170 13.74 -35.97 -8.43
N GLU B 171 13.93 -37.27 -8.64
CA GLU B 171 13.61 -38.22 -7.59
C GLU B 171 14.45 -37.97 -6.34
N ALA B 172 15.72 -37.63 -6.52
CA ALA B 172 16.59 -37.46 -5.36
C ALA B 172 16.20 -36.27 -4.49
N LEU B 173 15.40 -35.33 -5.00
CA LEU B 173 15.03 -34.12 -4.26
C LEU B 173 13.54 -34.04 -3.93
N LYS B 174 12.76 -35.02 -4.37
CA LYS B 174 11.31 -34.98 -4.29
C LYS B 174 10.83 -34.80 -2.86
N SER B 175 11.38 -35.57 -1.93
CA SER B 175 10.89 -35.46 -0.56
C SER B 175 11.12 -34.06 -0.02
N GLU B 176 12.31 -33.47 -0.24
CA GLU B 176 12.57 -32.11 0.25
C GLU B 176 11.70 -31.08 -0.46
N ILE B 177 11.49 -31.24 -1.76
CA ILE B 177 10.62 -30.34 -2.50
C ILE B 177 9.20 -30.42 -1.97
N ASP B 178 8.70 -31.62 -1.73
CA ASP B 178 7.37 -31.78 -1.15
C ASP B 178 7.29 -31.08 0.21
N GLU B 179 8.29 -31.26 1.05
CA GLU B 179 8.25 -30.66 2.40
C GLU B 179 8.13 -29.16 2.34
N ILE B 180 8.99 -28.52 1.55
CA ILE B 180 8.92 -27.08 1.42
C ILE B 180 7.62 -26.66 0.74
N ASN B 181 7.22 -27.37 -0.31
CA ASN B 181 6.00 -26.99 -1.02
C ASN B 181 4.79 -26.97 -0.08
N GLU B 182 4.74 -27.90 0.88
CA GLU B 182 3.54 -28.00 1.71
C GLU B 182 3.21 -26.68 2.38
N TRP B 183 4.17 -26.09 3.08
CA TRP B 183 3.86 -24.89 3.82
C TRP B 183 3.97 -23.64 2.96
N VAL B 184 4.86 -23.66 1.96
CA VAL B 184 4.87 -22.53 1.03
C VAL B 184 3.51 -22.41 0.37
N TYR B 185 2.92 -23.52 -0.07
CA TYR B 185 1.61 -23.47 -0.72
C TYR B 185 0.53 -22.94 0.22
N ASP B 186 0.49 -23.46 1.44
CA ASP B 186 -0.63 -23.14 2.32
C ASP B 186 -0.53 -21.73 2.87
N THR B 187 0.67 -21.30 3.24
CA THR B 187 0.85 -20.05 3.97
C THR B 187 1.41 -18.91 3.14
N VAL B 188 1.95 -19.17 1.95
CA VAL B 188 2.59 -18.12 1.16
C VAL B 188 1.85 -17.97 -0.18
N ASN B 189 1.85 -19.03 -1.00
CA ASN B 189 1.11 -18.98 -2.26
C ASN B 189 -0.35 -18.67 -2.03
N ASN B 190 -1.00 -19.46 -1.16
CA ASN B 190 -2.38 -19.22 -0.79
C ASN B 190 -2.52 -18.14 0.25
N GLY B 191 -1.49 -17.94 1.08
CA GLY B 191 -1.63 -17.06 2.22
C GLY B 191 -1.87 -15.62 1.83
N VAL B 192 -1.21 -15.14 0.77
CA VAL B 192 -1.51 -13.77 0.34
C VAL B 192 -2.99 -13.63 0.05
N TYR B 193 -3.61 -14.65 -0.55
CA TYR B 193 -5.04 -14.59 -0.85
C TYR B 193 -5.89 -14.68 0.41
N LYS B 194 -5.49 -15.49 1.36
CA LYS B 194 -6.28 -15.58 2.60
C LYS B 194 -6.29 -14.23 3.31
N ALA B 195 -5.19 -13.53 3.25
CA ALA B 195 -5.11 -12.20 3.87
C ALA B 195 -5.89 -11.20 3.04
N GLY B 196 -5.68 -11.21 1.73
CA GLY B 196 -6.21 -10.16 0.88
C GLY B 196 -7.70 -10.22 0.69
N PHE B 197 -8.27 -11.40 0.70
CA PHE B 197 -9.71 -11.54 0.56
C PHE B 197 -10.45 -11.75 1.87
N ALA B 198 -9.74 -11.72 3.00
CA ALA B 198 -10.42 -11.71 4.29
C ALA B 198 -11.37 -10.53 4.38
N THR B 199 -12.49 -10.73 5.06
CA THR B 199 -13.45 -9.65 5.22
C THR B 199 -13.61 -9.21 6.67
N THR B 200 -12.95 -9.90 7.60
CA THR B 200 -12.89 -9.51 8.99
C THR B 200 -11.45 -9.21 9.38
N GLN B 201 -11.27 -8.27 10.30
CA GLN B 201 -9.95 -8.04 10.85
C GLN B 201 -9.35 -9.32 11.38
N GLN B 202 -10.15 -10.14 12.06
CA GLN B 202 -9.59 -11.33 12.70
C GLN B 202 -9.06 -12.29 11.65
N ALA B 203 -9.81 -12.47 10.56
CA ALA B 203 -9.39 -13.39 9.51
C ALA B 203 -8.13 -12.88 8.82
N TYR B 204 -8.07 -11.57 8.57
CA TYR B 204 -6.91 -10.97 7.91
C TYR B 204 -5.67 -11.18 8.75
N GLU B 205 -5.76 -10.87 10.03
CA GLU B 205 -4.60 -11.07 10.89
C GLU B 205 -4.24 -12.55 10.96
N ALA B 206 -5.23 -13.42 11.08
CA ALA B 206 -4.89 -14.84 11.20
C ALA B 206 -4.19 -15.38 9.96
N ALA B 207 -4.22 -14.66 8.84
CA ALA B 207 -3.54 -15.07 7.61
C ALA B 207 -2.21 -14.38 7.39
N VAL B 208 -2.15 -13.07 7.68
CA VAL B 208 -0.96 -12.28 7.39
C VAL B 208 0.16 -12.63 8.34
N ILE B 209 -0.17 -13.05 9.56
CA ILE B 209 0.89 -13.35 10.51
C ILE B 209 1.62 -14.63 10.08
N PRO B 210 0.96 -15.76 9.84
CA PRO B 210 1.71 -16.94 9.37
C PRO B 210 2.39 -16.73 8.03
N LEU B 211 1.86 -15.87 7.17
CA LEU B 211 2.55 -15.50 5.94
C LEU B 211 3.94 -14.97 6.24
N PHE B 212 4.04 -13.95 7.10
CA PHE B 212 5.34 -13.37 7.38
C PHE B 212 6.19 -14.29 8.25
N GLU B 213 5.58 -15.13 9.09
CA GLU B 213 6.38 -16.15 9.74
C GLU B 213 7.03 -17.07 8.72
N SER B 214 6.32 -17.40 7.65
CA SER B 214 6.91 -18.25 6.63
C SER B 214 7.98 -17.51 5.84
N LEU B 215 7.78 -16.22 5.56
CA LEU B 215 8.85 -15.43 4.93
C LEU B 215 10.08 -15.39 5.82
N ASP B 216 9.88 -15.19 7.11
CA ASP B 216 10.99 -15.26 8.05
C ASP B 216 11.74 -16.59 7.90
N ARG B 217 10.99 -17.69 7.79
CA ARG B 217 11.59 -19.01 7.65
C ARG B 217 12.35 -19.13 6.35
N LEU B 218 11.73 -18.69 5.26
CA LEU B 218 12.38 -18.70 3.96
C LEU B 218 13.65 -17.88 3.99
N GLU B 219 13.59 -16.71 4.64
CA GLU B 219 14.77 -15.87 4.75
C GLU B 219 15.92 -16.68 5.30
N LYS B 220 15.65 -17.48 6.33
CA LYS B 220 16.68 -18.34 6.89
C LYS B 220 17.14 -19.39 5.88
N ILE B 221 16.19 -20.02 5.20
CA ILE B 221 16.56 -21.09 4.27
C ILE B 221 17.51 -20.55 3.20
N LEU B 222 17.21 -19.39 2.66
CA LEU B 222 17.92 -18.85 1.51
C LEU B 222 19.15 -18.03 1.87
N THR B 223 19.49 -17.89 3.15
CA THR B 223 20.71 -17.17 3.49
C THR B 223 21.93 -17.93 2.98
N GLY B 224 22.68 -17.29 2.10
CA GLY B 224 23.84 -17.92 1.52
C GLY B 224 23.56 -18.98 0.47
N LYS B 225 22.31 -19.10 0.01
CA LYS B 225 21.92 -20.12 -0.95
C LYS B 225 21.35 -19.48 -2.22
N ASP B 226 21.51 -20.19 -3.33
CA ASP B 226 20.94 -19.78 -4.61
C ASP B 226 19.56 -20.36 -4.87
N TYR B 227 19.25 -21.50 -4.25
CA TYR B 227 18.03 -22.24 -4.51
C TYR B 227 17.47 -22.81 -3.21
N LEU B 228 16.17 -23.04 -3.22
CA LEU B 228 15.49 -23.50 -2.01
C LEU B 228 15.90 -24.92 -1.63
N VAL B 229 16.03 -25.81 -2.62
CA VAL B 229 16.30 -27.23 -2.39
C VAL B 229 17.52 -27.67 -3.22
N GLY B 230 18.55 -28.15 -2.54
CA GLY B 230 19.58 -28.94 -3.19
C GLY B 230 20.57 -28.22 -4.09
N ASP B 231 20.79 -26.92 -3.90
CA ASP B 231 21.73 -26.15 -4.73
C ASP B 231 21.47 -26.30 -6.23
N GLN B 232 20.25 -26.61 -6.63
CA GLN B 232 19.86 -26.56 -8.05
C GLN B 232 18.44 -26.05 -8.16
N LEU B 233 18.14 -25.43 -9.32
CA LEU B 233 16.80 -24.96 -9.58
C LEU B 233 15.83 -26.13 -9.55
N THR B 234 14.69 -25.96 -8.86
CA THR B 234 13.64 -26.95 -8.80
C THR B 234 12.30 -26.24 -8.88
N GLU B 235 11.21 -27.02 -8.97
CA GLU B 235 9.90 -26.41 -8.99
C GLU B 235 9.63 -25.64 -7.71
N ALA B 236 10.28 -26.03 -6.60
CA ALA B 236 10.08 -25.30 -5.36
C ALA B 236 10.38 -23.83 -5.59
N ASP B 237 11.48 -23.52 -6.29
CA ASP B 237 11.82 -22.14 -6.64
C ASP B 237 10.75 -21.51 -7.50
N VAL B 238 10.28 -22.23 -8.51
CA VAL B 238 9.30 -21.66 -9.42
C VAL B 238 8.01 -21.31 -8.68
N ARG B 239 7.56 -22.22 -7.82
CA ARG B 239 6.30 -22.03 -7.14
C ARG B 239 6.40 -20.90 -6.13
N LEU B 240 7.55 -20.70 -5.53
CA LEU B 240 7.70 -19.57 -4.62
C LEU B 240 7.85 -18.26 -5.39
N PHE B 241 8.69 -18.28 -6.42
CA PHE B 241 8.98 -17.05 -7.16
C PHE B 241 7.73 -16.33 -7.62
N VAL B 242 6.74 -17.06 -8.12
CA VAL B 242 5.58 -16.41 -8.72
C VAL B 242 4.82 -15.60 -7.67
N THR B 243 4.91 -16.00 -6.41
CA THR B 243 4.33 -15.17 -5.35
C THR B 243 5.26 -14.03 -4.96
N ILE B 244 6.53 -14.31 -4.71
CA ILE B 244 7.43 -13.29 -4.22
C ILE B 244 7.59 -12.18 -5.27
N ILE B 245 7.53 -12.53 -6.57
CA ILE B 245 7.72 -11.47 -7.57
C ILE B 245 6.55 -10.49 -7.62
N ARG B 246 5.36 -10.92 -7.18
CA ARG B 246 4.20 -10.07 -7.09
C ARG B 246 4.11 -9.36 -5.74
N PHE B 247 5.02 -9.63 -4.82
CA PHE B 247 4.81 -9.20 -3.45
C PHE B 247 4.87 -7.69 -3.32
N ASP B 248 6.00 -7.10 -3.70
CA ASP B 248 6.15 -5.67 -3.51
C ASP B 248 5.27 -4.92 -4.50
N PRO B 249 5.05 -5.44 -5.71
CA PRO B 249 4.26 -4.70 -6.68
C PRO B 249 2.75 -4.68 -6.46
N ALA B 250 2.19 -5.65 -5.71
CA ALA B 250 0.74 -5.78 -5.54
C ALA B 250 0.25 -6.31 -4.17
N TYR B 251 0.86 -7.35 -3.63
CA TYR B 251 0.33 -7.97 -2.41
C TYR B 251 0.50 -7.06 -1.18
N VAL B 252 1.58 -6.32 -1.14
CA VAL B 252 1.85 -5.41 -0.02
C VAL B 252 0.73 -4.39 0.13
N GLY B 253 0.37 -3.72 -0.96
CA GLY B 253 -0.64 -2.70 -0.93
C GLY B 253 -2.02 -3.28 -1.03
N HIS B 254 -2.32 -3.93 -2.16
CA HIS B 254 -3.67 -4.34 -2.43
C HIS B 254 -4.19 -5.34 -1.41
N PHE B 255 -3.38 -6.34 -1.06
CA PHE B 255 -3.74 -7.38 -0.10
C PHE B 255 -3.22 -7.07 1.30
N LYS B 256 -2.71 -5.87 1.52
CA LYS B 256 -2.30 -5.44 2.85
C LYS B 256 -1.31 -6.40 3.49
N CYS B 257 -0.40 -6.95 2.68
CA CYS B 257 0.62 -7.86 3.21
C CYS B 257 1.88 -7.07 3.52
N ASN B 258 1.78 -6.22 4.54
CA ASN B 258 2.69 -5.09 4.62
C ASN B 258 3.47 -4.99 5.91
N LEU B 259 3.59 -6.08 6.69
CA LEU B 259 4.45 -5.99 7.87
C LEU B 259 5.85 -5.50 7.48
N ARG B 260 6.40 -6.05 6.39
CA ARG B 260 7.58 -5.52 5.77
C ARG B 260 7.49 -5.82 4.27
N THR B 261 8.45 -5.30 3.50
CA THR B 261 8.49 -5.58 2.06
C THR B 261 9.61 -6.59 1.77
N ILE B 262 9.59 -7.17 0.57
CA ILE B 262 10.70 -8.03 0.19
C ILE B 262 11.98 -7.22 0.11
N ARG B 263 11.93 -6.09 -0.60
CA ARG B 263 13.16 -5.40 -0.92
C ARG B 263 13.76 -4.74 0.31
N ASP B 264 12.94 -4.42 1.30
CA ASP B 264 13.45 -3.78 2.50
C ASP B 264 13.47 -4.69 3.71
N GLY B 265 12.82 -5.84 3.66
CA GLY B 265 12.62 -6.65 4.84
C GLY B 265 13.34 -7.99 4.80
N TYR B 266 13.66 -8.47 3.60
CA TYR B 266 14.10 -9.84 3.41
C TYR B 266 15.26 -9.91 2.43
N PRO B 267 16.47 -9.58 2.88
CA PRO B 267 17.59 -9.49 1.93
C PRO B 267 17.96 -10.83 1.28
N ALA B 268 17.80 -11.95 1.99
CA ALA B 268 18.13 -13.25 1.40
C ALA B 268 17.10 -13.66 0.36
N ILE B 269 15.81 -13.46 0.65
CA ILE B 269 14.77 -13.69 -0.34
C ILE B 269 14.95 -12.75 -1.53
N HIS B 270 15.30 -11.49 -1.23
CA HIS B 270 15.40 -10.46 -2.26
C HIS B 270 16.51 -10.77 -3.25
N LEU B 271 17.63 -11.27 -2.75
CA LEU B 271 18.74 -11.64 -3.62
C LEU B 271 18.37 -12.85 -4.49
N TRP B 272 17.80 -13.90 -3.87
CA TRP B 272 17.34 -15.09 -4.59
C TRP B 272 16.36 -14.72 -5.69
N LEU B 273 15.42 -13.82 -5.39
CA LEU B 273 14.44 -13.34 -6.35
C LEU B 273 15.12 -12.64 -7.51
N ARG B 274 16.03 -11.72 -7.23
CA ARG B 274 16.69 -10.93 -8.26
C ARG B 274 17.64 -11.77 -9.10
N LYS B 275 18.24 -12.79 -8.51
CA LYS B 275 19.06 -13.72 -9.27
C LYS B 275 18.22 -14.49 -10.29
N LEU B 276 17.09 -15.04 -9.86
CA LEU B 276 16.27 -15.79 -10.79
C LEU B 276 15.74 -14.89 -11.90
N TYR B 277 15.25 -13.70 -11.53
CA TYR B 277 14.67 -12.78 -12.50
C TYR B 277 15.71 -12.29 -13.49
N TRP B 278 16.87 -11.87 -12.99
CA TRP B 278 17.84 -11.21 -13.86
C TRP B 278 18.79 -12.17 -14.58
N ASN B 279 18.99 -13.35 -14.06
CA ASN B 279 19.94 -14.26 -14.69
C ASN B 279 19.26 -15.32 -15.52
N ASN B 280 17.95 -15.44 -15.46
CA ASN B 280 17.21 -16.51 -16.14
C ASN B 280 16.00 -15.93 -16.86
N SER B 281 16.14 -15.77 -18.18
CA SER B 281 15.07 -15.21 -18.99
C SER B 281 13.73 -15.94 -18.83
N ALA B 282 13.70 -17.19 -18.36
CA ALA B 282 12.41 -17.83 -18.17
C ALA B 282 11.55 -17.09 -17.16
N PHE B 283 12.20 -16.46 -16.21
CA PHE B 283 11.54 -15.78 -15.11
C PHE B 283 11.18 -14.34 -15.43
N SER B 284 12.02 -13.64 -16.18
CA SER B 284 11.79 -12.24 -16.53
C SER B 284 10.85 -12.13 -17.72
N GLU B 285 11.05 -12.93 -18.76
CA GLU B 285 10.26 -12.77 -19.97
C GLU B 285 8.80 -13.18 -19.76
N THR B 286 8.51 -13.97 -18.72
CA THR B 286 7.16 -14.36 -18.38
C THR B 286 6.54 -13.44 -17.33
N CYS B 287 7.23 -12.40 -16.94
CA CYS B 287 6.81 -11.55 -15.83
C CYS B 287 6.42 -10.18 -16.40
N LYS B 288 5.12 -9.90 -16.41
CA LYS B 288 4.54 -8.71 -17.00
C LYS B 288 3.90 -7.93 -15.86
N PHE B 289 4.62 -6.95 -15.34
CA PHE B 289 4.16 -6.29 -14.14
C PHE B 289 2.88 -5.51 -14.37
N ASP B 290 2.70 -4.95 -15.57
CA ASP B 290 1.50 -4.22 -15.86
C ASP B 290 0.28 -5.11 -15.82
N HIS B 291 0.39 -6.33 -16.35
CA HIS B 291 -0.69 -7.29 -16.19
C HIS B 291 -0.95 -7.59 -14.72
N ILE B 292 0.11 -7.79 -13.96
CA ILE B 292 -0.06 -8.18 -12.56
C ILE B 292 -0.84 -7.11 -11.81
N LYS B 293 -0.32 -5.89 -11.86
CA LYS B 293 -0.94 -4.78 -11.14
C LYS B 293 -2.34 -4.50 -11.64
N ALA B 294 -2.57 -4.61 -12.97
CA ALA B 294 -3.87 -4.28 -13.51
C ALA B 294 -4.92 -5.24 -12.98
N SER B 295 -4.58 -6.53 -12.89
CA SER B 295 -5.53 -7.53 -12.42
C SER B 295 -5.93 -7.29 -10.98
N TYR B 296 -4.94 -7.11 -10.09
CA TYR B 296 -5.32 -7.02 -8.69
C TYR B 296 -6.07 -5.73 -8.40
N TYR B 297 -5.62 -4.62 -8.98
CA TYR B 297 -6.23 -3.33 -8.64
C TYR B 297 -7.53 -3.10 -9.36
N ALA B 298 -7.90 -3.99 -10.27
CA ALA B 298 -9.21 -3.99 -10.88
C ALA B 298 -10.24 -4.71 -10.02
N GLN B 299 -9.87 -5.21 -8.84
CA GLN B 299 -10.80 -5.97 -8.00
C GLN B 299 -11.61 -4.94 -7.22
N LYS B 300 -12.83 -4.67 -7.70
CA LYS B 300 -13.60 -3.56 -7.15
C LYS B 300 -14.09 -3.84 -5.74
N ASN B 301 -14.28 -5.12 -5.38
CA ASN B 301 -14.68 -5.45 -4.02
C ASN B 301 -13.67 -4.96 -3.00
N VAL B 302 -12.39 -4.91 -3.39
CA VAL B 302 -11.33 -4.47 -2.51
C VAL B 302 -10.87 -3.04 -2.81
N ASN B 303 -10.96 -2.60 -4.06
CA ASN B 303 -10.36 -1.36 -4.53
C ASN B 303 -11.39 -0.64 -5.41
N PRO B 304 -12.46 -0.13 -4.80
CA PRO B 304 -13.57 0.39 -5.60
C PRO B 304 -13.20 1.53 -6.50
N THR B 305 -12.16 2.32 -6.20
CA THR B 305 -11.77 3.38 -7.12
C THR B 305 -11.18 2.83 -8.41
N LEU B 306 -10.70 1.60 -8.40
CA LEU B 306 -10.08 0.96 -9.56
C LEU B 306 -8.77 1.60 -9.98
N VAL B 307 -8.22 2.53 -9.16
CA VAL B 307 -6.97 3.16 -9.48
C VAL B 307 -5.80 2.19 -9.27
N VAL B 308 -4.78 2.30 -10.11
CA VAL B 308 -3.58 1.48 -10.07
C VAL B 308 -2.42 2.32 -9.58
N PRO B 309 -1.76 1.96 -8.48
CA PRO B 309 -0.64 2.76 -8.00
C PRO B 309 0.51 2.75 -8.98
N LEU B 310 1.22 3.88 -9.01
CA LEU B 310 2.36 4.03 -9.89
C LEU B 310 3.59 3.35 -9.34
N GLY B 311 3.64 3.15 -8.04
CA GLY B 311 4.74 2.47 -7.42
C GLY B 311 4.43 1.01 -7.17
N PRO B 312 5.37 0.29 -6.57
CA PRO B 312 6.70 0.75 -6.22
C PRO B 312 7.59 0.92 -7.43
N ILE B 313 8.53 1.85 -7.38
CA ILE B 313 9.51 2.02 -8.45
C ILE B 313 10.88 1.59 -7.96
N PRO B 314 11.51 0.58 -8.61
CA PRO B 314 11.04 -0.24 -9.72
C PRO B 314 10.22 -1.45 -9.26
N ASN B 315 9.61 -2.10 -10.25
CA ASN B 315 8.91 -3.33 -9.96
C ASN B 315 9.83 -4.36 -9.29
N ILE B 316 11.07 -4.47 -9.77
CA ILE B 316 12.11 -5.30 -9.17
C ILE B 316 13.43 -4.57 -9.35
N LEU B 317 14.23 -4.55 -8.30
CA LEU B 317 15.46 -3.82 -8.28
C LEU B 317 16.53 -4.60 -9.05
N PRO B 318 17.56 -3.90 -9.53
CA PRO B 318 18.63 -4.56 -10.30
C PRO B 318 19.44 -5.50 -9.46
N LEU B 319 20.04 -6.48 -10.15
CA LEU B 319 20.76 -7.52 -9.43
C LEU B 319 21.87 -6.98 -8.57
N HIS B 320 22.52 -5.89 -8.98
CA HIS B 320 23.67 -5.41 -8.22
C HIS B 320 23.31 -4.27 -7.26
N HIS B 321 22.03 -4.13 -6.94
CA HIS B 321 21.58 -3.21 -5.91
C HIS B 321 21.80 -3.81 -4.52
N HIS B 322 22.08 -2.93 -3.56
CA HIS B 322 22.32 -3.33 -2.17
C HIS B 322 21.26 -2.76 -1.20
S DMS C . -7.42 5.79 -4.33
O DMS C . -7.39 4.42 -4.86
C1 DMS C . -6.53 5.73 -2.74
C2 DMS C . -6.61 6.95 -5.50
H11 DMS C . -6.44 6.71 -2.35
H12 DMS C . -5.58 5.32 -2.87
H13 DMS C . -7.08 5.13 -2.05
H21 DMS C . -7.17 6.99 -6.39
H22 DMS C . -5.63 6.60 -5.71
H23 DMS C . -6.56 7.91 -5.07
C ACT D . -7.27 13.07 8.30
O ACT D . -6.46 13.09 7.35
OXT ACT D . -7.82 14.15 8.59
CH3 ACT D . -7.54 11.80 9.05
H1 ACT D . -6.95 10.99 8.62
H2 ACT D . -8.61 11.56 8.97
H3 ACT D . -7.28 11.94 10.09
S DMS E . -8.61 -6.63 2.39
O DMS E . -8.84 -5.30 3.00
C1 DMS E . -7.13 -6.53 1.32
C2 DMS E . -8.20 -7.75 3.78
H11 DMS E . -6.31 -6.16 1.88
H12 DMS E . -7.32 -5.88 0.51
H13 DMS E . -6.89 -7.50 0.95
H21 DMS E . -9.04 -7.86 4.41
H22 DMS E . -7.38 -7.35 4.32
H23 DMS E . -7.94 -8.70 3.39
#